data_1MYU
#
_entry.id   1MYU
#
_entity_poly.entity_id   1
_entity_poly.type   'polypeptide(L)'
_entity_poly.pdbx_seq_one_letter_code
;DVPKSDQFVGLM
;
_entity_poly.pdbx_strand_id   A
#
# COMPACT_ATOMS: atom_id res chain seq x y z
N ASP A 1 -2.66 10.56 0.32
CA ASP A 1 -3.66 9.50 0.35
C ASP A 1 -3.00 8.18 -0.04
N VAL A 2 -3.85 7.19 -0.29
CA VAL A 2 -3.37 5.87 -0.68
C VAL A 2 -2.57 5.99 -1.97
N PRO A 3 -1.63 5.01 -2.16
CA PRO A 3 -0.80 5.00 -3.35
C PRO A 3 -1.59 4.53 -4.57
N LYS A 4 -1.16 5.03 -5.73
CA LYS A 4 -1.82 4.67 -6.97
C LYS A 4 -1.65 3.18 -7.23
N SER A 5 -0.60 2.62 -6.63
CA SER A 5 -0.31 1.20 -6.78
C SER A 5 -1.36 0.38 -6.02
N ASP A 6 -2.05 1.05 -5.11
CA ASP A 6 -3.06 0.38 -4.31
C ASP A 6 -4.35 0.24 -5.14
N GLN A 7 -4.59 1.25 -5.97
CA GLN A 7 -5.78 1.23 -6.82
C GLN A 7 -5.60 0.26 -7.97
N PHE A 8 -4.33 -0.05 -8.25
CA PHE A 8 -4.01 -0.97 -9.34
C PHE A 8 -4.15 -2.42 -8.87
N VAL A 9 -3.70 -2.67 -7.65
CA VAL A 9 -3.76 -4.00 -7.09
C VAL A 9 -5.17 -4.26 -6.56
N GLY A 10 -5.85 -3.17 -6.23
CA GLY A 10 -7.20 -3.25 -5.70
C GLY A 10 -8.08 -4.13 -6.61
N LEU A 11 -8.09 -3.78 -7.89
CA LEU A 11 -8.87 -4.53 -8.86
C LEU A 11 -8.12 -5.80 -9.25
N MET A 12 -6.85 -5.63 -9.53
CA MET A 12 -6.00 -6.76 -9.92
C MET A 12 -5.95 -7.80 -8.82
N ASP A 1 -2.66 10.56 0.32
CA ASP A 1 -3.66 9.50 0.35
C ASP A 1 -2.99 8.19 0.75
N VAL A 2 -3.83 7.23 1.14
CA VAL A 2 -3.32 5.93 1.55
C VAL A 2 -3.05 5.09 0.30
N PRO A 3 -2.13 4.10 0.47
CA PRO A 3 -1.78 3.22 -0.62
C PRO A 3 -2.88 2.18 -0.88
N LYS A 4 -3.00 1.81 -2.14
CA LYS A 4 -4.01 0.83 -2.53
C LYS A 4 -3.71 -0.51 -1.85
N SER A 5 -2.44 -0.69 -1.50
CA SER A 5 -2.02 -1.91 -0.84
C SER A 5 -2.55 -1.95 0.59
N ASP A 6 -2.96 -0.78 1.07
CA ASP A 6 -3.49 -0.67 2.42
C ASP A 6 -4.95 -1.13 2.43
N GLN A 7 -5.66 -0.78 1.36
CA GLN A 7 -7.05 -1.16 1.24
C GLN A 7 -7.18 -2.67 1.02
N PHE A 8 -6.08 -3.27 0.62
CA PHE A 8 -6.05 -4.70 0.37
C PHE A 8 -5.87 -5.48 1.67
N VAL A 9 -4.99 -4.96 2.52
CA VAL A 9 -4.73 -5.60 3.80
C VAL A 9 -5.84 -5.22 4.79
N GLY A 10 -6.47 -4.09 4.53
CA GLY A 10 -7.54 -3.62 5.38
C GLY A 10 -8.52 -4.75 5.72
N LEU A 11 -8.91 -5.48 4.69
CA LEU A 11 -9.83 -6.59 4.85
C LEU A 11 -9.06 -7.81 5.36
N MET A 12 -7.93 -8.07 4.73
CA MET A 12 -7.11 -9.20 5.11
C MET A 12 -6.25 -8.87 6.33
N ASP A 1 -2.66 10.56 0.32
CA ASP A 1 -3.66 9.50 0.35
C ASP A 1 -2.96 8.15 0.45
N VAL A 2 -1.66 8.20 0.72
CA VAL A 2 -0.87 7.00 0.84
C VAL A 2 -1.29 6.25 2.11
N PRO A 3 -1.06 4.91 2.09
CA PRO A 3 -1.40 4.07 3.22
C PRO A 3 -0.42 4.27 4.37
N LYS A 4 -0.79 3.73 5.54
CA LYS A 4 0.05 3.84 6.71
C LYS A 4 1.17 2.79 6.64
N SER A 5 0.91 1.75 5.85
CA SER A 5 1.88 0.69 5.69
C SER A 5 3.07 1.19 4.86
N ASP A 6 2.85 2.30 4.19
CA ASP A 6 3.89 2.89 3.35
C ASP A 6 4.87 3.66 4.24
N GLN A 7 4.31 4.32 5.24
CA GLN A 7 5.13 5.10 6.17
C GLN A 7 5.97 4.18 7.04
N PHE A 8 5.56 2.92 7.08
CA PHE A 8 6.26 1.92 7.87
C PHE A 8 7.49 1.40 7.12
N VAL A 9 7.30 1.17 5.83
CA VAL A 9 8.37 0.66 4.99
C VAL A 9 9.29 1.81 4.60
N GLY A 10 8.73 3.01 4.61
CA GLY A 10 9.49 4.20 4.26
C GLY A 10 10.83 4.23 5.01
N LEU A 11 10.73 4.12 6.33
CA LEU A 11 11.93 4.14 7.17
C LEU A 11 12.58 2.76 7.14
N MET A 12 11.75 1.74 7.32
CA MET A 12 12.22 0.37 7.31
C MET A 12 12.77 -0.01 5.94
N ASP A 1 -2.66 10.56 0.32
CA ASP A 1 -3.66 9.50 0.35
C ASP A 1 -2.98 8.16 0.58
N VAL A 2 -3.71 7.24 1.19
CA VAL A 2 -3.18 5.92 1.48
C VAL A 2 -3.58 4.97 0.35
N PRO A 3 -2.75 3.90 0.18
CA PRO A 3 -3.01 2.90 -0.84
C PRO A 3 -4.17 2.00 -0.45
N LYS A 4 -4.96 1.62 -1.46
CA LYS A 4 -6.11 0.76 -1.24
C LYS A 4 -5.62 -0.58 -0.66
N SER A 5 -4.36 -0.89 -0.95
CA SER A 5 -3.78 -2.13 -0.47
C SER A 5 -3.56 -2.05 1.04
N ASP A 6 -3.58 -0.83 1.55
CA ASP A 6 -3.37 -0.60 2.97
C ASP A 6 -4.68 -0.89 3.72
N GLN A 7 -5.76 -0.32 3.20
CA GLN A 7 -7.07 -0.51 3.81
C GLN A 7 -7.46 -1.98 3.77
N PHE A 8 -6.77 -2.73 2.91
CA PHE A 8 -7.05 -4.14 2.76
C PHE A 8 -6.35 -4.95 3.85
N VAL A 9 -5.13 -4.56 4.14
CA VAL A 9 -4.34 -5.24 5.16
C VAL A 9 -4.78 -4.74 6.55
N GLY A 10 -5.31 -3.53 6.56
CA GLY A 10 -5.77 -2.93 7.81
C GLY A 10 -6.62 -3.92 8.61
N LEU A 11 -7.62 -4.47 7.93
CA LEU A 11 -8.51 -5.43 8.57
C LEU A 11 -7.72 -6.68 8.96
N MET A 12 -6.95 -7.16 8.00
CA MET A 12 -6.14 -8.35 8.23
C MET A 12 -4.71 -7.97 8.64
N ASP A 1 -2.66 10.56 0.32
CA ASP A 1 -3.66 9.50 0.35
C ASP A 1 -2.98 8.16 0.09
N VAL A 2 -3.79 7.12 0.06
CA VAL A 2 -3.29 5.78 -0.17
C VAL A 2 -2.63 5.72 -1.55
N PRO A 3 -1.72 4.72 -1.72
CA PRO A 3 -1.02 4.55 -2.98
C PRO A 3 -1.94 3.93 -4.04
N LYS A 4 -1.91 4.54 -5.21
CA LYS A 4 -2.73 4.06 -6.32
C LYS A 4 -2.50 2.56 -6.50
N SER A 5 -1.36 2.10 -6.02
CA SER A 5 -1.02 0.70 -6.12
C SER A 5 -1.88 -0.13 -5.17
N ASP A 6 -2.22 0.49 -4.04
CA ASP A 6 -3.04 -0.17 -3.04
C ASP A 6 -4.34 -0.65 -3.70
N GLN A 7 -4.86 0.19 -4.59
CA GLN A 7 -6.09 -0.14 -5.28
C GLN A 7 -5.84 -1.22 -6.34
N PHE A 8 -4.59 -1.29 -6.77
CA PHE A 8 -4.20 -2.26 -7.77
C PHE A 8 -3.96 -3.64 -7.15
N VAL A 9 -3.33 -3.61 -5.97
CA VAL A 9 -3.03 -4.85 -5.26
C VAL A 9 -4.29 -5.31 -4.52
N GLY A 10 -5.18 -4.36 -4.27
CA GLY A 10 -6.42 -4.66 -3.56
C GLY A 10 -7.50 -5.09 -4.55
N LEU A 11 -7.07 -5.50 -5.72
CA LEU A 11 -7.99 -5.94 -6.75
C LEU A 11 -8.50 -7.35 -6.41
N MET A 12 -7.57 -8.21 -6.05
CA MET A 12 -7.90 -9.57 -5.69
C MET A 12 -8.67 -9.62 -4.36
N ASP A 1 -2.66 10.56 0.32
CA ASP A 1 -3.66 9.50 0.35
C ASP A 1 -2.99 8.16 0.02
N VAL A 2 -1.81 8.26 -0.57
CA VAL A 2 -1.06 7.08 -0.93
C VAL A 2 0.02 6.81 0.12
N PRO A 3 -0.20 5.75 0.93
CA PRO A 3 0.75 5.38 1.98
C PRO A 3 2.00 4.73 1.38
N LYS A 4 3.06 4.72 2.16
CA LYS A 4 4.31 4.14 1.74
C LYS A 4 4.23 2.61 1.85
N SER A 5 3.31 2.17 2.70
CA SER A 5 3.12 0.75 2.92
C SER A 5 2.44 0.13 1.68
N ASP A 6 1.87 0.99 0.86
CA ASP A 6 1.20 0.55 -0.35
C ASP A 6 2.24 0.25 -1.43
N GLN A 7 3.34 0.99 -1.35
CA GLN A 7 4.42 0.82 -2.33
C GLN A 7 5.19 -0.47 -2.04
N PHE A 8 5.07 -0.93 -0.81
CA PHE A 8 5.74 -2.16 -0.39
C PHE A 8 4.96 -3.39 -0.83
N VAL A 9 3.65 -3.30 -0.69
CA VAL A 9 2.78 -4.41 -1.07
C VAL A 9 2.56 -4.38 -2.58
N GLY A 10 2.71 -3.20 -3.15
CA GLY A 10 2.53 -3.03 -4.59
C GLY A 10 3.34 -4.06 -5.36
N LEU A 11 4.63 -4.10 -5.07
CA LEU A 11 5.53 -5.03 -5.73
C LEU A 11 5.39 -6.41 -5.07
N MET A 12 5.41 -6.42 -3.75
CA MET A 12 5.29 -7.65 -3.00
C MET A 12 3.91 -8.28 -3.21
N ASP A 1 -2.66 10.56 0.32
CA ASP A 1 -3.66 9.50 0.35
C ASP A 1 -2.96 8.15 0.45
N VAL A 2 -1.69 8.14 0.08
CA VAL A 2 -0.90 6.93 0.12
C VAL A 2 -0.02 6.94 1.38
N PRO A 3 -0.40 6.07 2.35
CA PRO A 3 0.34 5.96 3.59
C PRO A 3 1.66 5.22 3.40
N LYS A 4 2.55 5.40 4.37
CA LYS A 4 3.85 4.76 4.30
C LYS A 4 3.71 3.29 4.68
N SER A 5 2.64 2.99 5.41
CA SER A 5 2.37 1.63 5.83
C SER A 5 1.94 0.78 4.63
N ASP A 6 1.58 1.46 3.56
CA ASP A 6 1.15 0.78 2.36
C ASP A 6 2.38 0.31 1.57
N GLN A 7 3.45 1.09 1.70
CA GLN A 7 4.70 0.76 1.02
C GLN A 7 5.39 -0.41 1.71
N PHE A 8 5.06 -0.58 2.98
CA PHE A 8 5.65 -1.65 3.78
C PHE A 8 4.95 -2.98 3.51
N VAL A 9 3.62 -2.90 3.42
CA VAL A 9 2.82 -4.09 3.17
C VAL A 9 2.86 -4.43 1.68
N GLY A 10 3.11 -3.40 0.87
CA GLY A 10 3.18 -3.57 -0.56
C GLY A 10 4.04 -4.78 -0.93
N LEU A 11 5.17 -4.88 -0.26
CA LEU A 11 6.09 -5.99 -0.50
C LEU A 11 5.59 -7.23 0.24
N MET A 12 5.23 -7.03 1.50
CA MET A 12 4.74 -8.13 2.32
C MET A 12 3.21 -8.18 2.30
N ASP A 1 -2.66 10.56 0.32
CA ASP A 1 -3.66 9.50 0.35
C ASP A 1 -2.97 8.15 0.21
N VAL A 2 -3.63 7.12 0.74
CA VAL A 2 -3.08 5.78 0.68
C VAL A 2 -3.77 5.01 -0.45
N PRO A 3 -2.99 4.76 -1.53
CA PRO A 3 -3.51 4.04 -2.68
C PRO A 3 -3.62 2.54 -2.38
N LYS A 4 -4.19 1.82 -3.33
CA LYS A 4 -4.37 0.39 -3.18
C LYS A 4 -3.05 -0.32 -3.50
N SER A 5 -2.22 0.38 -4.25
CA SER A 5 -0.93 -0.18 -4.64
C SER A 5 0.01 -0.22 -3.43
N ASP A 6 -0.38 0.52 -2.40
CA ASP A 6 0.41 0.57 -1.18
C ASP A 6 0.12 -0.68 -0.34
N GLN A 7 -1.14 -1.09 -0.37
CA GLN A 7 -1.56 -2.26 0.38
C GLN A 7 -1.07 -3.54 -0.31
N PHE A 8 -0.76 -3.40 -1.58
CA PHE A 8 -0.28 -4.53 -2.36
C PHE A 8 1.21 -4.78 -2.12
N VAL A 9 1.96 -3.67 -2.06
CA VAL A 9 3.39 -3.76 -1.84
C VAL A 9 3.65 -3.95 -0.34
N GLY A 10 2.70 -3.51 0.46
CA GLY A 10 2.82 -3.63 1.91
C GLY A 10 3.26 -5.05 2.30
N LEU A 11 2.53 -6.02 1.78
CA LEU A 11 2.83 -7.42 2.07
C LEU A 11 4.20 -7.77 1.50
N MET A 12 4.39 -7.39 0.23
CA MET A 12 5.65 -7.66 -0.44
C MET A 12 6.58 -6.46 -0.35
N ASP A 1 -2.66 10.56 0.32
CA ASP A 1 -3.66 9.50 0.35
C ASP A 1 -2.99 8.18 0.73
N VAL A 2 -3.82 7.18 0.98
CA VAL A 2 -3.33 5.87 1.35
C VAL A 2 -2.43 5.33 0.24
N PRO A 3 -1.11 5.26 0.57
CA PRO A 3 -0.13 4.76 -0.40
C PRO A 3 -0.21 3.25 -0.53
N LYS A 4 0.28 2.76 -1.66
CA LYS A 4 0.26 1.33 -1.93
C LYS A 4 1.41 0.66 -1.18
N SER A 5 2.43 1.46 -0.87
CA SER A 5 3.59 0.97 -0.16
C SER A 5 3.23 0.66 1.30
N ASP A 6 2.08 1.20 1.71
CA ASP A 6 1.61 1.01 3.07
C ASP A 6 0.94 -0.37 3.17
N GLN A 7 0.27 -0.75 2.09
CA GLN A 7 -0.41 -2.03 2.05
C GLN A 7 0.60 -3.17 1.99
N PHE A 8 1.82 -2.82 1.61
CA PHE A 8 2.88 -3.80 1.50
C PHE A 8 3.50 -4.09 2.88
N VAL A 9 3.68 -3.03 3.65
CA VAL A 9 4.26 -3.14 4.97
C VAL A 9 3.18 -3.61 5.95
N GLY A 10 1.94 -3.31 5.60
CA GLY A 10 0.81 -3.70 6.43
C GLY A 10 0.92 -5.15 6.87
N LEU A 11 1.11 -6.02 5.88
CA LEU A 11 1.23 -7.44 6.16
C LEU A 11 2.66 -7.75 6.64
N MET A 12 3.62 -7.20 5.92
CA MET A 12 5.01 -7.40 6.24
C MET A 12 5.34 -6.84 7.63
N ASP A 1 -2.66 10.56 0.32
CA ASP A 1 -3.66 9.50 0.35
C ASP A 1 -2.97 8.16 0.54
N VAL A 2 -1.66 8.16 0.30
CA VAL A 2 -0.87 6.95 0.43
C VAL A 2 -0.98 6.44 1.88
N PRO A 3 -1.67 5.28 2.04
CA PRO A 3 -1.85 4.69 3.35
C PRO A 3 -0.55 4.01 3.82
N LYS A 4 -0.54 3.69 5.11
CA LYS A 4 0.62 3.05 5.69
C LYS A 4 0.60 1.55 5.36
N SER A 5 -0.59 1.06 5.05
CA SER A 5 -0.77 -0.34 4.71
C SER A 5 -0.16 -0.62 3.34
N ASP A 6 0.09 0.45 2.60
CA ASP A 6 0.67 0.33 1.27
C ASP A 6 2.18 0.13 1.39
N GLN A 7 2.74 0.71 2.45
CA GLN A 7 4.17 0.60 2.69
C GLN A 7 4.51 -0.79 3.23
N PHE A 8 3.50 -1.44 3.79
CA PHE A 8 3.68 -2.77 4.35
C PHE A 8 3.61 -3.83 3.25
N VAL A 9 2.67 -3.63 2.33
CA VAL A 9 2.49 -4.55 1.23
C VAL A 9 3.54 -4.26 0.14
N GLY A 10 3.99 -3.02 0.14
CA GLY A 10 4.98 -2.60 -0.84
C GLY A 10 6.22 -3.49 -0.78
N LEU A 11 6.67 -3.76 0.45
CA LEU A 11 7.84 -4.58 0.66
C LEU A 11 7.44 -6.06 0.53
N MET A 12 6.35 -6.40 1.20
CA MET A 12 5.84 -7.76 1.17
C MET A 12 5.47 -8.19 -0.25
N ASP A 1 -2.66 10.56 0.32
CA ASP A 1 -3.66 9.50 0.35
C ASP A 1 -2.99 8.16 0.06
N VAL A 2 -3.74 7.09 0.29
CA VAL A 2 -3.22 5.75 0.08
C VAL A 2 -2.83 5.60 -1.39
N PRO A 3 -1.50 5.50 -1.63
CA PRO A 3 -0.98 5.36 -2.97
C PRO A 3 -1.21 3.94 -3.50
N LYS A 4 -1.33 3.84 -4.82
CA LYS A 4 -1.56 2.55 -5.45
C LYS A 4 -0.26 1.74 -5.45
N SER A 5 0.85 2.47 -5.37
CA SER A 5 2.16 1.84 -5.35
C SER A 5 2.38 1.13 -4.03
N ASP A 6 1.56 1.48 -3.05
CA ASP A 6 1.65 0.88 -1.73
C ASP A 6 0.96 -0.50 -1.75
N GLN A 7 -0.12 -0.56 -2.51
CA GLN A 7 -0.88 -1.80 -2.62
C GLN A 7 -0.09 -2.82 -3.44
N PHE A 8 0.87 -2.32 -4.20
CA PHE A 8 1.70 -3.18 -5.03
C PHE A 8 2.82 -3.82 -4.21
N VAL A 9 3.40 -3.02 -3.33
CA VAL A 9 4.49 -3.49 -2.48
C VAL A 9 3.89 -4.26 -1.30
N GLY A 10 2.66 -3.93 -0.98
CA GLY A 10 1.98 -4.58 0.13
C GLY A 10 2.06 -6.10 0.00
N LEU A 11 1.66 -6.60 -1.16
CA LEU A 11 1.68 -8.02 -1.42
C LEU A 11 3.10 -8.44 -1.79
N MET A 12 3.71 -7.67 -2.69
CA MET A 12 5.06 -7.94 -3.14
C MET A 12 6.07 -7.71 -2.00
N ASP A 1 -2.66 10.56 0.32
CA ASP A 1 -3.66 9.50 0.35
C ASP A 1 -3.00 8.19 0.75
N VAL A 2 -1.67 8.18 0.64
CA VAL A 2 -0.91 6.99 0.99
C VAL A 2 -1.15 6.64 2.46
N PRO A 3 -1.87 5.51 2.67
CA PRO A 3 -2.17 5.06 4.02
C PRO A 3 -0.93 4.45 4.69
N LYS A 4 -0.86 4.63 6.00
CA LYS A 4 0.26 4.11 6.77
C LYS A 4 0.08 2.59 6.95
N SER A 5 -1.17 2.16 6.84
CA SER A 5 -1.48 0.75 6.99
C SER A 5 -0.96 -0.03 5.78
N ASP A 6 -0.71 0.70 4.71
CA ASP A 6 -0.21 0.08 3.48
C ASP A 6 1.27 -0.25 3.66
N GLN A 7 1.95 0.61 4.40
CA GLN A 7 3.37 0.42 4.64
C GLN A 7 3.60 -0.73 5.63
N PHE A 8 2.55 -1.03 6.39
CA PHE A 8 2.63 -2.10 7.37
C PHE A 8 2.40 -3.46 6.71
N VAL A 9 1.44 -3.49 5.78
CA VAL A 9 1.12 -4.71 5.08
C VAL A 9 2.13 -4.92 3.95
N GLY A 10 2.72 -3.83 3.50
CA GLY A 10 3.70 -3.88 2.44
C GLY A 10 4.87 -4.80 2.83
N LEU A 11 5.42 -4.54 4.00
CA LEU A 11 6.54 -5.32 4.49
C LEU A 11 6.01 -6.64 5.07
N MET A 12 4.98 -6.52 5.89
CA MET A 12 4.37 -7.68 6.51
C MET A 12 3.18 -8.20 5.69
N ASP A 1 -2.66 10.56 0.32
CA ASP A 1 -3.66 9.50 0.35
C ASP A 1 -3.00 8.20 0.81
N VAL A 2 -1.69 8.16 0.66
CA VAL A 2 -0.92 6.98 1.05
C VAL A 2 -1.14 6.71 2.54
N PRO A 3 -1.87 5.59 2.82
CA PRO A 3 -2.15 5.22 4.20
C PRO A 3 -0.92 4.62 4.87
N LYS A 4 -0.60 5.18 6.03
CA LYS A 4 0.56 4.71 6.79
C LYS A 4 0.42 3.22 7.07
N SER A 5 -0.83 2.76 7.04
CA SER A 5 -1.12 1.35 7.29
C SER A 5 -0.65 0.50 6.11
N ASP A 6 -0.48 1.16 4.97
CA ASP A 6 -0.03 0.48 3.77
C ASP A 6 1.46 0.16 3.89
N GLN A 7 2.16 1.06 4.56
CA GLN A 7 3.60 0.88 4.75
C GLN A 7 3.86 -0.19 5.82
N PHE A 8 2.84 -0.43 6.64
CA PHE A 8 2.95 -1.41 7.70
C PHE A 8 2.70 -2.82 7.16
N VAL A 9 1.72 -2.92 6.27
CA VAL A 9 1.37 -4.20 5.67
C VAL A 9 2.37 -4.51 4.54
N GLY A 10 2.97 -3.46 4.03
CA GLY A 10 3.93 -3.60 2.94
C GLY A 10 5.33 -3.86 3.49
N LEU A 11 5.39 -4.29 4.74
CA LEU A 11 6.65 -4.57 5.39
C LEU A 11 7.20 -5.90 4.87
N MET A 12 6.32 -6.89 4.82
CA MET A 12 6.71 -8.21 4.35
C MET A 12 7.02 -8.18 2.86
N ASP A 1 -2.66 10.56 0.32
CA ASP A 1 -3.66 9.50 0.35
C ASP A 1 -2.98 8.16 0.07
N VAL A 2 -1.91 8.23 -0.69
CA VAL A 2 -1.16 7.03 -1.04
C VAL A 2 0.07 6.92 -0.14
N PRO A 3 0.02 5.94 0.79
CA PRO A 3 1.13 5.73 1.72
C PRO A 3 2.30 5.05 1.02
N LYS A 4 3.50 5.43 1.43
CA LYS A 4 4.71 4.85 0.85
C LYS A 4 4.79 3.37 1.20
N SER A 5 4.03 3.00 2.23
CA SER A 5 4.01 1.62 2.67
C SER A 5 3.27 0.74 1.65
N ASP A 6 2.43 1.40 0.86
CA ASP A 6 1.67 0.71 -0.17
C ASP A 6 2.62 0.23 -1.27
N GLN A 7 3.60 1.07 -1.57
CA GLN A 7 4.57 0.75 -2.60
C GLN A 7 5.54 -0.32 -2.10
N PHE A 8 5.58 -0.47 -0.78
CA PHE A 8 6.46 -1.45 -0.18
C PHE A 8 5.82 -2.85 -0.21
N VAL A 9 4.53 -2.88 0.06
CA VAL A 9 3.80 -4.13 0.07
C VAL A 9 3.45 -4.52 -1.38
N GLY A 10 3.38 -3.51 -2.23
CA GLY A 10 3.07 -3.73 -3.62
C GLY A 10 3.99 -4.78 -4.23
N LEU A 11 5.29 -4.59 -4.02
CA LEU A 11 6.28 -5.51 -4.53
C LEU A 11 6.36 -6.73 -3.63
N MET A 12 6.44 -6.47 -2.33
CA MET A 12 6.52 -7.53 -1.35
C MET A 12 5.23 -8.36 -1.32
N ASP A 1 -2.66 10.56 0.32
CA ASP A 1 -3.66 9.50 0.35
C ASP A 1 -3.00 8.17 0.01
N VAL A 2 -3.64 7.09 0.45
CA VAL A 2 -3.12 5.76 0.21
C VAL A 2 -3.87 5.14 -0.97
N PRO A 3 -3.15 5.02 -2.11
CA PRO A 3 -3.74 4.44 -3.31
C PRO A 3 -3.86 2.92 -3.19
N LYS A 4 -4.87 2.38 -3.86
CA LYS A 4 -5.11 0.95 -3.82
C LYS A 4 -3.90 0.22 -4.43
N SER A 5 -3.10 0.99 -5.13
CA SER A 5 -1.91 0.43 -5.77
C SER A 5 -0.86 0.09 -4.70
N ASP A 6 -0.84 0.89 -3.65
CA ASP A 6 0.10 0.69 -2.56
C ASP A 6 -0.03 -0.74 -2.05
N GLN A 7 -1.28 -1.19 -1.92
CA GLN A 7 -1.55 -2.53 -1.44
C GLN A 7 -1.14 -3.56 -2.50
N PHE A 8 -1.11 -3.11 -3.74
CA PHE A 8 -0.74 -3.98 -4.84
C PHE A 8 0.77 -4.11 -4.95
N VAL A 9 1.45 -2.99 -4.76
CA VAL A 9 2.90 -2.98 -4.84
C VAL A 9 3.48 -3.48 -3.52
N GLY A 10 2.69 -3.34 -2.46
CA GLY A 10 3.11 -3.78 -1.14
C GLY A 10 3.29 -5.30 -1.11
N LEU A 11 2.35 -5.99 -1.73
CA LEU A 11 2.39 -7.44 -1.77
C LEU A 11 3.37 -7.89 -2.87
N MET A 12 3.23 -7.26 -4.03
CA MET A 12 4.09 -7.58 -5.16
C MET A 12 5.51 -7.07 -4.92
N ASP A 1 -2.66 10.56 0.32
CA ASP A 1 -3.66 9.50 0.35
C ASP A 1 -2.97 8.15 0.52
N VAL A 2 -3.78 7.12 0.68
CA VAL A 2 -3.26 5.78 0.87
C VAL A 2 -3.33 5.02 -0.46
N PRO A 3 -2.13 4.79 -1.06
CA PRO A 3 -2.05 4.09 -2.33
C PRO A 3 -2.28 2.59 -2.13
N LYS A 4 -2.84 1.96 -3.15
CA LYS A 4 -3.12 0.53 -3.11
C LYS A 4 -1.80 -0.23 -3.14
N SER A 5 -0.76 0.45 -3.61
CA SER A 5 0.56 -0.15 -3.70
C SER A 5 1.15 -0.33 -2.31
N ASP A 6 0.81 0.61 -1.43
CA ASP A 6 1.30 0.57 -0.07
C ASP A 6 0.95 -0.78 0.56
N GLN A 7 -0.25 -1.25 0.24
CA GLN A 7 -0.72 -2.52 0.76
C GLN A 7 0.00 -3.68 0.05
N PHE A 8 0.49 -3.39 -1.13
CA PHE A 8 1.20 -4.40 -1.91
C PHE A 8 2.65 -4.52 -1.45
N VAL A 9 3.26 -3.37 -1.18
CA VAL A 9 4.64 -3.34 -0.74
C VAL A 9 4.69 -3.66 0.75
N GLY A 10 3.58 -3.39 1.43
CA GLY A 10 3.49 -3.64 2.86
C GLY A 10 3.92 -5.08 3.19
N LEU A 11 3.45 -6.00 2.36
CA LEU A 11 3.77 -7.41 2.55
C LEU A 11 5.16 -7.69 1.99
N MET A 12 5.40 -7.19 0.79
CA MET A 12 6.67 -7.37 0.13
C MET A 12 7.61 -6.19 0.41
N ASP A 1 -2.66 10.56 0.32
CA ASP A 1 -3.66 9.50 0.35
C ASP A 1 -2.96 8.15 0.34
N VAL A 2 -1.69 8.17 -0.03
CA VAL A 2 -0.90 6.96 -0.08
C VAL A 2 -0.03 6.86 1.17
N PRO A 3 -0.41 5.90 2.05
CA PRO A 3 0.32 5.69 3.30
C PRO A 3 1.65 4.98 3.04
N LYS A 4 2.52 5.02 4.04
CA LYS A 4 3.81 4.39 3.93
C LYS A 4 3.64 2.87 3.89
N SER A 5 2.48 2.43 4.37
CA SER A 5 2.17 1.01 4.40
C SER A 5 1.92 0.50 2.97
N ASP A 6 1.36 1.38 2.15
CA ASP A 6 1.06 1.04 0.78
C ASP A 6 2.33 0.53 0.10
N GLN A 7 3.43 1.23 0.36
CA GLN A 7 4.70 0.85 -0.22
C GLN A 7 5.21 -0.45 0.39
N PHE A 8 4.72 -0.73 1.59
CA PHE A 8 5.11 -1.93 2.30
C PHE A 8 4.31 -3.15 1.80
N VAL A 9 3.02 -2.92 1.58
CA VAL A 9 2.15 -3.97 1.10
C VAL A 9 2.32 -4.13 -0.41
N GLY A 10 2.76 -3.05 -1.04
CA GLY A 10 2.98 -3.06 -2.48
C GLY A 10 4.04 -4.09 -2.87
N LEU A 11 5.13 -4.07 -2.12
CA LEU A 11 6.22 -4.99 -2.38
C LEU A 11 5.90 -6.35 -1.77
N MET A 12 5.44 -6.31 -0.53
CA MET A 12 5.09 -7.53 0.19
C MET A 12 3.85 -8.18 -0.42
N ASP A 1 -2.66 10.56 0.32
CA ASP A 1 -3.66 9.50 0.35
C ASP A 1 -2.97 8.15 0.22
N VAL A 2 -3.54 7.17 0.89
CA VAL A 2 -2.98 5.82 0.86
C VAL A 2 -3.79 4.96 -0.11
N PRO A 3 -3.14 4.64 -1.27
CA PRO A 3 -3.78 3.84 -2.29
C PRO A 3 -3.83 2.37 -1.88
N LYS A 4 -5.01 1.78 -2.04
CA LYS A 4 -5.20 0.39 -1.69
C LYS A 4 -4.64 -0.50 -2.80
N SER A 5 -4.51 0.09 -3.98
CA SER A 5 -4.00 -0.63 -5.13
C SER A 5 -2.49 -0.88 -4.95
N ASP A 6 -1.84 0.07 -4.30
CA ASP A 6 -0.41 -0.05 -4.06
C ASP A 6 -0.12 -1.37 -3.35
N GLN A 7 -0.99 -1.72 -2.42
CA GLN A 7 -0.84 -2.95 -1.66
C GLN A 7 -1.17 -4.16 -2.56
N PHE A 8 -1.97 -3.89 -3.58
CA PHE A 8 -2.37 -4.94 -4.50
C PHE A 8 -1.28 -5.19 -5.55
N VAL A 9 -0.68 -4.11 -6.02
CA VAL A 9 0.38 -4.21 -7.01
C VAL A 9 1.69 -4.56 -6.31
N GLY A 10 1.76 -4.22 -5.04
CA GLY A 10 2.95 -4.50 -4.25
C GLY A 10 3.43 -5.94 -4.46
N LEU A 11 2.50 -6.87 -4.28
CA LEU A 11 2.80 -8.27 -4.44
C LEU A 11 3.18 -8.54 -5.91
N MET A 12 2.34 -8.04 -6.81
CA MET A 12 2.57 -8.21 -8.23
C MET A 12 3.31 -7.01 -8.81
N ASP A 1 -2.66 10.56 0.32
CA ASP A 1 -3.66 9.50 0.35
C ASP A 1 -2.97 8.15 0.17
N VAL A 2 -3.32 7.22 1.04
CA VAL A 2 -2.74 5.89 0.99
C VAL A 2 -3.73 4.94 0.31
N PRO A 3 -3.38 4.53 -0.94
CA PRO A 3 -4.23 3.62 -1.69
C PRO A 3 -4.12 2.19 -1.16
N LYS A 4 -5.27 1.66 -0.75
CA LYS A 4 -5.31 0.32 -0.21
C LYS A 4 -4.96 -0.68 -1.32
N SER A 5 -5.06 -0.20 -2.55
CA SER A 5 -4.76 -1.04 -3.71
C SER A 5 -3.25 -1.29 -3.79
N ASP A 6 -2.50 -0.30 -3.36
CA ASP A 6 -1.05 -0.40 -3.39
C ASP A 6 -0.62 -1.66 -2.62
N GLN A 7 -1.30 -1.90 -1.51
CA GLN A 7 -0.99 -3.06 -0.69
C GLN A 7 -1.48 -4.34 -1.37
N PHE A 8 -2.45 -4.16 -2.26
CA PHE A 8 -3.01 -5.28 -2.98
C PHE A 8 -2.12 -5.67 -4.18
N VAL A 9 -1.62 -4.65 -4.85
CA VAL A 9 -0.76 -4.86 -6.00
C VAL A 9 0.65 -5.17 -5.53
N GLY A 10 0.96 -4.70 -4.33
CA GLY A 10 2.27 -4.91 -3.75
C GLY A 10 2.68 -6.38 -3.85
N LEU A 11 1.80 -7.24 -3.36
CA LEU A 11 2.05 -8.67 -3.38
C LEU A 11 2.16 -9.13 -4.83
N MET A 12 1.19 -8.72 -5.63
CA MET A 12 1.15 -9.09 -7.03
C MET A 12 1.80 -8.00 -7.90
N ASP A 1 -2.66 10.56 0.32
CA ASP A 1 -3.66 9.50 0.35
C ASP A 1 -3.00 8.18 -0.01
N VAL A 2 -3.36 7.14 0.74
CA VAL A 2 -2.81 5.82 0.50
C VAL A 2 -3.16 5.37 -0.92
N PRO A 3 -2.12 5.29 -1.77
CA PRO A 3 -2.30 4.88 -3.15
C PRO A 3 -2.53 3.37 -3.24
N LYS A 4 -3.31 2.98 -4.23
CA LYS A 4 -3.62 1.57 -4.43
C LYS A 4 -2.31 0.78 -4.58
N SER A 5 -1.26 1.52 -4.90
CA SER A 5 0.04 0.90 -5.07
C SER A 5 0.60 0.46 -3.71
N ASP A 6 0.26 1.24 -2.69
CA ASP A 6 0.71 0.95 -1.35
C ASP A 6 0.31 -0.48 -0.98
N GLN A 7 -0.89 -0.85 -1.37
CA GLN A 7 -1.40 -2.19 -1.10
C GLN A 7 -0.69 -3.21 -1.98
N PHE A 8 -0.16 -2.73 -3.09
CA PHE A 8 0.55 -3.60 -4.02
C PHE A 8 1.99 -3.84 -3.56
N VAL A 9 2.60 -2.77 -3.07
CA VAL A 9 3.97 -2.86 -2.60
C VAL A 9 3.99 -3.43 -1.19
N GLY A 10 2.87 -3.26 -0.50
CA GLY A 10 2.73 -3.77 0.85
C GLY A 10 3.04 -5.26 0.92
N LEU A 11 2.35 -6.01 0.08
CA LEU A 11 2.54 -7.46 0.04
C LEU A 11 3.79 -7.77 -0.81
N MET A 12 3.86 -7.12 -1.95
CA MET A 12 5.00 -7.33 -2.84
C MET A 12 6.30 -6.85 -2.20
#